data_5L0W
#
_entry.id   5L0W
#
_cell.length_a   108.600
_cell.length_b   108.600
_cell.length_c   271.170
_cell.angle_alpha   90.000
_cell.angle_beta   90.000
_cell.angle_gamma   120.000
#
_symmetry.space_group_name_H-M   'P 65 2 2'
#
loop_
_entity.id
_entity.type
_entity.pdbx_description
1 polymer Sec72
2 polymer Sec71
#
loop_
_entity_poly.entity_id
_entity_poly.type
_entity_poly.pdbx_seq_one_letter_code
_entity_poly.pdbx_strand_id
1 'polypeptide(L)'
;MSDLDTFTFIPLHIDPKSKAISAAPNALGTPSANKALETELAALNALHRALHTQIEGPIPVPPPPVPVNPKRSANINKLR
ESGNAEYRKQRYGDAIKLYTLGLQ(MSE)ALTRPAWEPAGLVRDEIHQLYSNRAQAY(MSE)QLGQWPEAAADAECSVEA
KRQGNAKAWYRRGKCL(MSE)E(MSE)RRLQEAREWVARGLEFEGEEKELAELLKEIDSKLAAEKASRDA
;
B
2 'polypeptide(L)'
;MKHHHHHHHGAAGTSLYKKAGENLYFQGSHLQRNIYLSLLHMEPEEGQEKAPKVPDSVIRAALLRRAVEDIHRIIQIRTA
KAACSTLLQRGSVGDDLWQRFLRAEKE(MSE)EDELRDVV(MSE)EANALVPGWGQIIFQSANEIAANKVLRDRLEEIEA
QTARDKEWWEKRRATIKSEFMKELDAEEAVEK
;
A
#
# COMPACT_ATOMS: atom_id res chain seq x y z
N ASP A 5 -10.76 28.04 19.67
CA ASP A 5 -10.69 27.38 20.96
C ASP A 5 -9.30 26.78 21.18
N THR A 6 -9.22 25.45 21.23
CA THR A 6 -7.94 24.77 21.40
C THR A 6 -7.50 24.13 20.10
N PHE A 7 -7.98 24.67 18.98
CA PHE A 7 -7.67 24.12 17.67
C PHE A 7 -7.78 25.19 16.59
N THR A 8 -7.27 24.89 15.41
CA THR A 8 -7.34 25.79 14.28
C THR A 8 -8.64 25.58 13.50
N PHE A 9 -9.54 26.55 13.57
CA PHE A 9 -10.83 26.44 12.90
C PHE A 9 -10.70 26.48 11.39
N ILE A 10 -11.51 25.69 10.71
CA ILE A 10 -11.61 25.72 9.26
C ILE A 10 -13.06 25.87 8.82
N PRO A 11 -13.36 26.95 8.08
CA PRO A 11 -14.72 27.11 7.56
C PRO A 11 -15.04 26.04 6.52
N LEU A 12 -16.10 25.28 6.73
CA LEU A 12 -16.48 24.23 5.79
C LEU A 12 -17.92 24.42 5.32
N HIS A 13 -18.24 23.81 4.18
CA HIS A 13 -19.61 23.81 3.68
C HIS A 13 -20.15 22.37 3.59
N ILE A 14 -21.45 22.20 3.77
CA ILE A 14 -22.08 20.88 3.69
C ILE A 14 -23.13 20.86 2.58
N ASP A 15 -23.02 19.87 1.69
CA ASP A 15 -24.04 19.64 0.66
C ASP A 15 -25.14 18.72 1.17
N PRO A 16 -26.35 19.25 1.39
CA PRO A 16 -27.42 18.33 1.84
C PRO A 16 -27.73 17.32 0.72
N LYS A 17 -28.32 16.16 1.04
CA LYS A 17 -28.46 15.04 0.08
C LYS A 17 -27.10 14.41 -0.33
N SER A 18 -26.23 15.21 -0.93
CA SER A 18 -24.90 14.73 -1.31
C SER A 18 -24.07 14.31 -0.11
N LYS A 19 -24.39 14.89 1.06
CA LYS A 19 -23.72 14.66 2.33
C LYS A 19 -22.24 15.02 2.29
N ALA A 20 -21.82 15.75 1.25
CA ALA A 20 -20.39 16.01 1.02
C ALA A 20 -19.88 17.28 1.70
N ILE A 21 -18.59 17.27 2.07
CA ILE A 21 -17.95 18.40 2.75
C ILE A 21 -17.05 19.19 1.80
N SER A 22 -17.33 20.48 1.68
CA SER A 22 -16.62 21.36 0.76
C SER A 22 -15.73 22.34 1.51
N ALA A 23 -14.65 22.75 0.87
CA ALA A 23 -13.74 23.73 1.45
C ALA A 23 -14.19 25.15 1.12
N ALA A 24 -14.14 26.03 2.12
CA ALA A 24 -14.42 27.45 1.91
C ALA A 24 -13.40 28.07 0.96
N PRO A 25 -13.74 29.20 0.33
CA PRO A 25 -12.79 29.84 -0.59
C PRO A 25 -11.51 30.29 0.11
N ASN A 26 -10.39 29.62 -0.20
CA ASN A 26 -9.12 29.89 0.45
C ASN A 26 -9.25 29.84 1.98
N ALA A 27 -9.42 28.64 2.53
CA ALA A 27 -9.74 28.51 3.93
C ALA A 27 -8.54 28.73 4.85
N LEU A 28 -7.34 28.43 4.36
CA LEU A 28 -6.16 28.39 5.23
C LEU A 28 -5.09 29.43 4.86
N GLY A 29 -5.15 29.94 3.63
CA GLY A 29 -4.26 31.01 3.21
C GLY A 29 -3.02 30.59 2.45
N THR A 30 -2.79 29.28 2.38
CA THR A 30 -1.61 28.72 1.73
C THR A 30 -2.02 27.69 0.68
N PRO A 31 -1.46 27.77 -0.53
CA PRO A 31 -1.79 26.81 -1.59
C PRO A 31 -1.53 25.36 -1.17
N SER A 32 -0.41 25.13 -0.49
CA SER A 32 -0.06 23.81 0.00
C SER A 32 -1.10 23.29 1.01
N ALA A 33 -1.35 24.10 2.03
CA ALA A 33 -2.29 23.77 3.09
C ALA A 33 -3.69 23.55 2.53
N ASN A 34 -4.06 24.37 1.56
CA ASN A 34 -5.37 24.26 0.92
C ASN A 34 -5.50 22.99 0.10
N LYS A 35 -4.45 22.64 -0.63
CA LYS A 35 -4.47 21.43 -1.45
C LYS A 35 -4.54 20.19 -0.54
N ALA A 36 -3.78 20.23 0.54
CA ALA A 36 -3.80 19.15 1.54
C ALA A 36 -5.20 19.00 2.14
N LEU A 37 -5.81 20.14 2.47
CA LEU A 37 -7.18 20.17 2.97
C LEU A 37 -8.14 19.52 1.97
N GLU A 38 -7.98 19.86 0.69
CA GLU A 38 -8.87 19.34 -0.36
C GLU A 38 -8.73 17.82 -0.50
N THR A 39 -7.50 17.32 -0.53
CA THR A 39 -7.27 15.89 -0.62
C THR A 39 -7.83 15.15 0.59
N GLU A 40 -7.60 15.70 1.78
CA GLU A 40 -8.12 15.09 3.00
C GLU A 40 -9.64 15.05 2.99
N LEU A 41 -10.28 16.14 2.57
CA LEU A 41 -11.73 16.20 2.49
C LEU A 41 -12.26 15.17 1.48
N ALA A 42 -11.50 14.99 0.41
CA ALA A 42 -11.84 13.96 -0.58
C ALA A 42 -11.86 12.58 0.08
N ALA A 43 -10.81 12.29 0.83
CA ALA A 43 -10.71 11.01 1.55
C ALA A 43 -11.85 10.86 2.55
N LEU A 44 -12.24 11.97 3.19
CA LEU A 44 -13.32 11.99 4.16
C LEU A 44 -14.64 11.59 3.52
N ASN A 45 -14.99 12.28 2.43
CA ASN A 45 -16.24 12.00 1.72
C ASN A 45 -16.26 10.57 1.19
N ALA A 46 -15.12 10.13 0.65
CA ALA A 46 -14.99 8.76 0.14
C ALA A 46 -15.22 7.74 1.25
N LEU A 47 -14.66 8.03 2.42
CA LEU A 47 -14.85 7.19 3.59
C LEU A 47 -16.31 7.17 4.01
N HIS A 48 -16.98 8.30 3.89
CA HIS A 48 -18.37 8.38 4.27
C HIS A 48 -19.22 7.50 3.38
N ARG A 49 -18.97 7.58 2.08
CA ARG A 49 -19.68 6.73 1.12
C ARG A 49 -19.38 5.26 1.41
N ALA A 50 -18.12 4.96 1.72
CA ALA A 50 -17.72 3.60 2.04
C ALA A 50 -18.49 3.04 3.23
N LEU A 51 -18.57 3.83 4.30
CA LEU A 51 -19.31 3.44 5.49
C LEU A 51 -20.78 3.28 5.20
N HIS A 52 -21.31 4.15 4.35
CA HIS A 52 -22.72 4.11 4.01
C HIS A 52 -23.08 2.87 3.18
N THR A 53 -22.16 2.42 2.33
CA THR A 53 -22.51 1.38 1.35
C THR A 53 -21.86 0.02 1.59
N GLN A 54 -21.02 -0.09 2.61
CA GLN A 54 -20.28 -1.33 2.81
C GLN A 54 -20.36 -1.89 4.23
N ILE A 55 -21.18 -1.26 5.06
CA ILE A 55 -21.49 -1.82 6.36
C ILE A 55 -22.85 -2.52 6.30
N GLU A 56 -22.83 -3.84 6.30
CA GLU A 56 -24.06 -4.60 6.14
C GLU A 56 -24.85 -4.70 7.44
N GLY A 57 -24.14 -4.70 8.57
CA GLY A 57 -24.79 -4.73 9.87
C GLY A 57 -25.60 -3.47 10.14
N PRO A 58 -26.39 -3.48 11.21
CA PRO A 58 -27.27 -2.35 11.54
C PRO A 58 -26.51 -1.19 12.19
N ILE A 59 -25.42 -1.49 12.89
CA ILE A 59 -24.59 -0.46 13.51
C ILE A 59 -23.68 0.18 12.49
N PRO A 60 -23.77 1.53 12.33
CA PRO A 60 -23.09 2.25 11.25
C PRO A 60 -21.60 2.51 11.46
N VAL A 61 -20.91 1.61 12.17
CA VAL A 61 -19.46 1.68 12.29
C VAL A 61 -18.85 0.32 11.90
N PRO A 62 -17.59 0.33 11.44
CA PRO A 62 -16.95 -0.92 11.03
C PRO A 62 -16.84 -1.94 12.18
N PRO A 63 -17.26 -3.18 11.92
CA PRO A 63 -17.07 -4.26 12.89
C PRO A 63 -15.58 -4.51 13.10
N PRO A 64 -15.19 -5.10 14.25
CA PRO A 64 -13.78 -5.45 14.45
C PRO A 64 -13.27 -6.32 13.30
N PRO A 65 -12.01 -6.11 12.90
CA PRO A 65 -11.45 -6.74 11.70
C PRO A 65 -11.26 -8.26 11.81
N VAL A 66 -10.95 -8.78 12.99
CA VAL A 66 -10.54 -10.18 13.09
C VAL A 66 -11.67 -11.19 12.77
N PRO A 67 -12.94 -10.92 13.16
CA PRO A 67 -13.86 -11.90 12.56
C PRO A 67 -14.34 -11.43 11.18
N VAL A 68 -13.85 -12.07 10.12
CA VAL A 68 -14.07 -11.55 8.77
C VAL A 68 -15.08 -12.38 7.96
N ASN A 69 -15.99 -11.69 7.26
CA ASN A 69 -16.94 -12.34 6.37
C ASN A 69 -16.21 -13.05 5.23
N PRO A 70 -16.32 -14.38 5.17
CA PRO A 70 -15.50 -15.18 4.25
C PRO A 70 -16.03 -15.28 2.81
N LYS A 71 -17.03 -14.49 2.45
CA LYS A 71 -17.60 -14.57 1.11
C LYS A 71 -16.60 -14.13 0.03
N ARG A 72 -16.05 -12.94 0.22
CA ARG A 72 -15.13 -12.35 -0.74
C ARG A 72 -13.92 -13.26 -0.97
N SER A 73 -13.36 -13.76 0.12
CA SER A 73 -12.23 -14.68 0.07
C SER A 73 -12.55 -15.91 -0.76
N ALA A 74 -13.76 -16.42 -0.58
CA ALA A 74 -14.24 -17.60 -1.30
C ALA A 74 -14.34 -17.32 -2.80
N ASN A 75 -14.95 -16.20 -3.17
CA ASN A 75 -15.02 -15.81 -4.58
C ASN A 75 -13.64 -15.71 -5.20
N ILE A 76 -12.74 -15.03 -4.49
CA ILE A 76 -11.35 -14.88 -4.92
C ILE A 76 -10.71 -16.25 -5.16
N ASN A 77 -10.97 -17.19 -4.25
CA ASN A 77 -10.50 -18.55 -4.41
C ASN A 77 -11.03 -19.19 -5.70
N LYS A 78 -12.32 -18.99 -5.95
CA LYS A 78 -12.96 -19.52 -7.15
C LYS A 78 -12.33 -19.00 -8.43
N LEU A 79 -12.13 -17.70 -8.52
CA LEU A 79 -11.52 -17.14 -9.72
C LEU A 79 -10.04 -17.51 -9.82
N ARG A 80 -9.41 -17.71 -8.67
CA ARG A 80 -8.03 -18.18 -8.64
C ARG A 80 -7.90 -19.55 -9.29
N GLU A 81 -8.72 -20.50 -8.84
CA GLU A 81 -8.65 -21.85 -9.38
C GLU A 81 -9.17 -21.89 -10.82
N SER A 82 -10.04 -20.94 -11.16
CA SER A 82 -10.49 -20.79 -12.54
C SER A 82 -9.28 -20.45 -13.41
N GLY A 83 -8.50 -19.48 -12.96
CA GLY A 83 -7.25 -19.13 -13.60
C GLY A 83 -6.29 -20.30 -13.72
N ASN A 84 -6.13 -21.04 -12.64
CA ASN A 84 -5.23 -22.20 -12.64
C ASN A 84 -5.66 -23.27 -13.64
N ALA A 85 -6.96 -23.53 -13.70
CA ALA A 85 -7.53 -24.47 -14.66
C ALA A 85 -7.26 -24.01 -16.09
N GLU A 86 -7.44 -22.71 -16.33
CA GLU A 86 -7.13 -22.16 -17.65
C GLU A 86 -5.63 -22.17 -17.92
N TYR A 87 -4.83 -22.33 -16.87
CA TYR A 87 -3.38 -22.39 -17.02
C TYR A 87 -2.90 -23.79 -17.41
N ARG A 88 -3.47 -24.80 -16.76
CA ARG A 88 -3.11 -26.19 -17.04
C ARG A 88 -3.47 -26.56 -18.47
N LYS A 89 -4.49 -25.91 -19.00
CA LYS A 89 -4.95 -26.13 -20.37
C LYS A 89 -4.12 -25.30 -21.35
N GLN A 90 -3.10 -24.64 -20.81
CA GLN A 90 -2.05 -23.98 -21.59
C GLN A 90 -2.53 -22.84 -22.48
N ARG A 91 -3.73 -22.32 -22.21
CA ARG A 91 -4.12 -21.03 -22.77
C ARG A 91 -3.96 -19.97 -21.69
N TYR A 92 -2.86 -19.23 -21.77
CA TYR A 92 -2.39 -18.41 -20.67
C TYR A 92 -3.06 -17.04 -20.51
N GLY A 93 -3.37 -16.40 -21.63
CA GLY A 93 -3.99 -15.07 -21.60
C GLY A 93 -5.29 -15.03 -20.81
N ASP A 94 -6.10 -16.06 -20.98
CA ASP A 94 -7.38 -16.16 -20.28
C ASP A 94 -7.17 -16.31 -18.78
N ALA A 95 -6.20 -17.16 -18.43
CA ALA A 95 -5.77 -17.38 -17.05
C ALA A 95 -5.31 -16.07 -16.43
N ILE A 96 -4.68 -15.25 -17.26
CA ILE A 96 -4.20 -13.93 -16.88
C ILE A 96 -5.33 -12.97 -16.61
N LYS A 97 -6.35 -12.98 -17.47
CA LYS A 97 -7.53 -12.15 -17.25
C LYS A 97 -8.20 -12.54 -15.93
N LEU A 98 -8.28 -13.85 -15.68
CA LEU A 98 -8.90 -14.36 -14.47
C LEU A 98 -8.13 -13.95 -13.21
N TYR A 99 -6.81 -14.19 -13.24
CA TYR A 99 -5.92 -13.76 -12.17
C TYR A 99 -6.06 -12.27 -11.89
N THR A 100 -6.15 -11.49 -12.97
CA THR A 100 -6.35 -10.05 -12.88
C THR A 100 -7.64 -9.70 -12.15
N LEU A 101 -8.72 -10.39 -12.53
CA LEU A 101 -9.99 -10.21 -11.83
C LEU A 101 -9.83 -10.50 -10.35
N GLY A 102 -9.11 -11.57 -10.04
CA GLY A 102 -8.82 -11.93 -8.66
C GLY A 102 -8.08 -10.84 -7.90
N LEU A 103 -7.07 -10.25 -8.53
CA LEU A 103 -6.33 -9.17 -7.91
C LEU A 103 -7.21 -7.96 -7.67
N GLN A 104 -8.04 -7.63 -8.66
CA GLN A 104 -8.96 -6.52 -8.55
C GLN A 104 -9.94 -6.68 -7.40
N ALA A 106 -9.57 -8.61 -4.87
CA ALA A 106 -8.84 -8.71 -3.62
C ALA A 106 -8.44 -7.34 -3.09
N LEU A 107 -8.10 -6.43 -4.01
CA LEU A 107 -7.61 -5.11 -3.66
C LEU A 107 -8.74 -4.11 -3.41
N THR A 108 -9.97 -4.55 -3.60
CA THR A 108 -11.13 -3.70 -3.36
C THR A 108 -11.87 -4.08 -2.08
N ARG A 109 -11.23 -4.94 -1.29
CA ARG A 109 -11.73 -5.26 0.04
C ARG A 109 -11.75 -4.00 0.89
N PRO A 110 -12.80 -3.82 1.71
CA PRO A 110 -12.88 -2.65 2.59
C PRO A 110 -11.61 -2.44 3.41
N ALA A 111 -11.19 -1.18 3.54
CA ALA A 111 -9.90 -0.87 4.13
C ALA A 111 -9.81 -1.17 5.62
N TRP A 112 -10.96 -1.32 6.28
CA TRP A 112 -10.98 -1.58 7.70
C TRP A 112 -10.90 -3.07 8.01
N GLU A 113 -10.98 -3.88 6.95
CA GLU A 113 -10.79 -5.32 7.06
C GLU A 113 -9.30 -5.63 7.00
N PRO A 114 -8.88 -6.77 7.60
CA PRO A 114 -7.47 -7.10 7.80
C PRO A 114 -6.60 -6.96 6.54
N ALA A 115 -5.59 -6.11 6.63
CA ALA A 115 -4.69 -5.85 5.50
C ALA A 115 -3.80 -7.06 5.22
N GLY A 116 -3.53 -7.86 6.25
CA GLY A 116 -2.70 -9.04 6.10
C GLY A 116 -3.34 -10.08 5.20
N LEU A 117 -4.67 -10.21 5.31
CA LEU A 117 -5.45 -11.07 4.43
C LEU A 117 -5.24 -10.67 2.97
N VAL A 118 -5.43 -9.38 2.70
CA VAL A 118 -5.18 -8.78 1.41
C VAL A 118 -3.77 -9.15 0.92
N ARG A 119 -2.79 -8.99 1.81
CA ARG A 119 -1.40 -9.33 1.47
C ARG A 119 -1.26 -10.80 1.03
N ASP A 120 -1.87 -11.71 1.78
CA ASP A 120 -1.85 -13.14 1.43
C ASP A 120 -2.41 -13.38 0.03
N GLU A 121 -3.68 -13.03 -0.14
CA GLU A 121 -4.40 -13.27 -1.38
C GLU A 121 -3.69 -12.64 -2.59
N ILE A 122 -3.34 -11.36 -2.50
CA ILE A 122 -2.67 -10.70 -3.62
C ILE A 122 -1.27 -11.24 -3.84
N HIS A 123 -0.63 -11.79 -2.80
CA HIS A 123 0.71 -12.32 -2.99
C HIS A 123 0.60 -13.56 -3.87
N GLN A 124 -0.34 -14.45 -3.54
CA GLN A 124 -0.46 -15.66 -4.34
C GLN A 124 -0.91 -15.34 -5.76
N LEU A 125 -1.91 -14.48 -5.90
CA LEU A 125 -2.43 -14.15 -7.23
C LEU A 125 -1.37 -13.45 -8.09
N TYR A 126 -0.59 -12.57 -7.47
CA TYR A 126 0.50 -11.91 -8.18
C TYR A 126 1.54 -12.92 -8.65
N SER A 127 1.90 -13.88 -7.80
CA SER A 127 2.88 -14.89 -8.19
C SER A 127 2.36 -15.73 -9.37
N ASN A 128 1.12 -16.18 -9.26
CA ASN A 128 0.49 -16.96 -10.32
C ASN A 128 0.46 -16.22 -11.65
N ARG A 129 -0.05 -14.98 -11.63
CA ARG A 129 -0.14 -14.20 -12.86
C ARG A 129 1.24 -13.95 -13.42
N ALA A 130 2.23 -13.79 -12.54
CA ALA A 130 3.62 -13.61 -12.97
C ALA A 130 4.08 -14.81 -13.77
N GLN A 131 3.89 -15.99 -13.22
CA GLN A 131 4.28 -17.22 -13.92
C GLN A 131 3.58 -17.33 -15.27
N ALA A 132 2.29 -17.05 -15.27
CA ALA A 132 1.49 -17.09 -16.51
C ALA A 132 2.05 -16.13 -17.55
N TYR A 133 2.54 -14.99 -17.09
CA TYR A 133 3.16 -14.00 -17.96
C TYR A 133 4.47 -14.51 -18.53
N GLN A 135 5.29 -17.42 -19.00
CA GLN A 135 5.04 -18.48 -19.95
C GLN A 135 4.94 -17.91 -21.36
N LEU A 136 4.33 -16.73 -21.47
CA LEU A 136 4.17 -16.05 -22.75
C LEU A 136 5.40 -15.22 -23.10
N GLY A 137 6.43 -15.30 -22.27
CA GLY A 137 7.70 -14.64 -22.54
C GLY A 137 7.67 -13.15 -22.33
N GLN A 138 6.54 -12.63 -21.86
CA GLN A 138 6.44 -11.23 -21.50
C GLN A 138 7.14 -10.99 -20.16
N TRP A 139 8.45 -10.81 -20.20
CA TRP A 139 9.30 -10.76 -19.02
C TRP A 139 9.10 -9.55 -18.08
N PRO A 140 9.07 -8.31 -18.61
CA PRO A 140 9.01 -7.17 -17.69
C PRO A 140 7.79 -7.18 -16.77
N GLU A 141 6.63 -7.48 -17.34
CA GLU A 141 5.37 -7.47 -16.60
C GLU A 141 5.38 -8.57 -15.55
N ALA A 142 5.99 -9.70 -15.91
CA ALA A 142 6.14 -10.83 -15.02
C ALA A 142 7.01 -10.47 -13.82
N ALA A 143 8.13 -9.80 -14.09
CA ALA A 143 9.02 -9.33 -13.05
C ALA A 143 8.30 -8.35 -12.13
N ALA A 144 7.43 -7.54 -12.74
CA ALA A 144 6.62 -6.59 -11.98
C ALA A 144 5.70 -7.32 -11.01
N ASP A 145 4.94 -8.28 -11.53
CA ASP A 145 3.99 -9.03 -10.72
C ASP A 145 4.69 -9.79 -9.60
N ALA A 146 5.84 -10.38 -9.92
CA ALA A 146 6.61 -11.14 -8.93
C ALA A 146 7.15 -10.20 -7.86
N GLU A 147 7.55 -9.01 -8.27
CA GLU A 147 8.01 -8.00 -7.33
C GLU A 147 6.88 -7.60 -6.37
N CYS A 148 5.67 -7.48 -6.92
CA CYS A 148 4.51 -7.19 -6.11
C CYS A 148 4.22 -8.32 -5.13
N SER A 149 4.44 -9.53 -5.59
CA SER A 149 4.25 -10.71 -4.75
C SER A 149 5.19 -10.66 -3.55
N VAL A 150 6.47 -10.40 -3.81
CA VAL A 150 7.45 -10.30 -2.75
C VAL A 150 7.13 -9.14 -1.80
N GLU A 151 6.64 -8.03 -2.37
CA GLU A 151 6.27 -6.87 -1.57
C GLU A 151 5.15 -7.20 -0.61
N ALA A 152 4.20 -8.02 -1.06
CA ALA A 152 3.09 -8.44 -0.21
C ALA A 152 3.54 -9.43 0.86
N LYS A 153 4.33 -10.42 0.46
CA LYS A 153 4.82 -11.44 1.38
C LYS A 153 6.31 -11.71 1.13
N ARG A 154 7.14 -11.14 1.99
CA ARG A 154 8.60 -11.24 1.83
C ARG A 154 9.15 -12.61 2.23
N GLN A 155 8.69 -13.14 3.35
CA GLN A 155 9.20 -14.41 3.84
C GLN A 155 8.25 -15.56 3.51
N GLY A 156 8.82 -16.74 3.27
CA GLY A 156 8.05 -17.92 2.96
C GLY A 156 7.44 -17.81 1.58
N ASN A 157 8.14 -17.09 0.72
CA ASN A 157 7.67 -16.85 -0.63
C ASN A 157 8.86 -16.90 -1.61
N ALA A 158 9.61 -18.00 -1.53
CA ALA A 158 10.83 -18.16 -2.32
C ALA A 158 10.54 -18.24 -3.82
N LYS A 159 9.35 -18.71 -4.17
CA LYS A 159 8.98 -18.88 -5.57
C LYS A 159 8.91 -17.53 -6.29
N ALA A 160 8.42 -16.51 -5.57
CA ALA A 160 8.31 -15.17 -6.14
C ALA A 160 9.69 -14.58 -6.40
N TRP A 161 10.55 -14.66 -5.40
CA TRP A 161 11.94 -14.24 -5.52
C TRP A 161 12.60 -14.91 -6.73
N TYR A 162 12.44 -16.23 -6.82
CA TYR A 162 12.95 -17.00 -7.94
C TYR A 162 12.45 -16.47 -9.27
N ARG A 163 11.13 -16.28 -9.36
CA ARG A 163 10.50 -15.90 -10.61
C ARG A 163 10.96 -14.52 -11.09
N ARG A 164 11.01 -13.54 -10.19
CA ARG A 164 11.52 -12.23 -10.60
C ARG A 164 13.00 -12.34 -10.93
N GLY A 165 13.71 -13.23 -10.24
CA GLY A 165 15.11 -13.46 -10.52
C GLY A 165 15.35 -13.90 -11.96
N LYS A 166 14.64 -14.97 -12.35
CA LYS A 166 14.77 -15.47 -13.71
C LYS A 166 14.29 -14.45 -14.73
N CYS A 167 13.25 -13.70 -14.39
CA CYS A 167 12.79 -12.63 -15.27
C CYS A 167 13.92 -11.64 -15.51
N LEU A 168 14.62 -11.29 -14.43
CA LEU A 168 15.72 -10.35 -14.49
C LEU A 168 16.87 -10.86 -15.34
N GLU A 170 16.63 -13.09 -17.70
CA GLU A 170 16.15 -13.27 -19.06
C GLU A 170 16.27 -11.98 -19.84
N ARG A 172 18.55 -9.75 -19.30
CA ARG A 172 19.95 -9.32 -19.27
C ARG A 172 20.30 -8.31 -18.17
N ARG A 173 19.57 -8.34 -17.07
CA ARG A 173 19.93 -7.53 -15.90
C ARG A 173 20.56 -8.45 -14.85
N LEU A 174 21.75 -8.96 -15.18
CA LEU A 174 22.39 -10.03 -14.41
C LEU A 174 22.82 -9.64 -13.00
N GLN A 175 23.34 -8.43 -12.83
CA GLN A 175 23.77 -7.98 -11.52
C GLN A 175 22.59 -7.81 -10.59
N GLU A 176 21.57 -7.13 -11.09
CA GLU A 176 20.33 -6.93 -10.35
C GLU A 176 19.74 -8.27 -9.91
N ALA A 177 19.80 -9.25 -10.80
CA ALA A 177 19.30 -10.59 -10.51
C ALA A 177 20.14 -11.27 -9.43
N ARG A 178 21.45 -11.11 -9.54
CA ARG A 178 22.40 -11.65 -8.58
C ARG A 178 22.08 -11.15 -7.18
N GLU A 179 21.98 -9.84 -7.04
CA GLU A 179 21.74 -9.23 -5.74
C GLU A 179 20.34 -9.54 -5.22
N TRP A 180 19.36 -9.54 -6.12
CA TRP A 180 17.97 -9.85 -5.78
C TRP A 180 17.84 -11.24 -5.20
N VAL A 181 18.37 -12.24 -5.91
CA VAL A 181 18.32 -13.62 -5.43
C VAL A 181 19.15 -13.78 -4.17
N ALA A 182 20.29 -13.09 -4.12
CA ALA A 182 21.17 -13.15 -2.96
C ALA A 182 20.44 -12.71 -1.70
N ARG A 183 19.71 -11.60 -1.79
CA ARG A 183 19.00 -11.09 -0.63
C ARG A 183 17.75 -11.92 -0.38
N GLY A 184 17.24 -12.54 -1.44
CA GLY A 184 16.06 -13.38 -1.33
C GLY A 184 16.33 -14.65 -0.54
N LEU A 185 17.60 -14.98 -0.38
CA LEU A 185 18.00 -16.18 0.34
C LEU A 185 18.13 -15.91 1.84
N GLU A 186 18.19 -14.63 2.19
CA GLU A 186 18.28 -14.24 3.58
C GLU A 186 16.93 -14.40 4.28
N PHE A 187 15.88 -13.86 3.66
CA PHE A 187 14.53 -14.25 4.03
C PHE A 187 14.40 -15.73 3.65
N GLU A 188 13.81 -16.56 4.51
CA GLU A 188 13.88 -17.99 4.22
C GLU A 188 12.56 -18.65 3.89
N GLY A 189 12.47 -19.14 2.65
CA GLY A 189 11.51 -20.13 2.24
C GLY A 189 12.35 -21.35 1.94
N GLU A 190 11.95 -22.18 0.98
CA GLU A 190 12.82 -23.26 0.55
C GLU A 190 14.01 -22.62 -0.20
N GLU A 191 15.19 -23.19 -0.05
CA GLU A 191 16.41 -22.54 -0.53
C GLU A 191 16.91 -22.99 -1.90
N LYS A 192 17.08 -24.29 -2.08
CA LYS A 192 17.98 -24.78 -3.13
C LYS A 192 17.52 -24.53 -4.57
N GLU A 193 16.29 -24.10 -4.80
CA GLU A 193 15.93 -23.67 -6.15
C GLU A 193 16.49 -22.27 -6.38
N LEU A 194 16.38 -21.42 -5.35
CA LEU A 194 17.04 -20.12 -5.34
C LEU A 194 18.55 -20.28 -5.40
N ALA A 195 19.05 -21.36 -4.81
CA ALA A 195 20.49 -21.64 -4.80
C ALA A 195 20.97 -22.05 -6.19
N GLU A 196 20.20 -22.93 -6.83
CA GLU A 196 20.48 -23.31 -8.21
C GLU A 196 20.48 -22.08 -9.11
N LEU A 197 19.45 -21.26 -8.93
CA LEU A 197 19.33 -20.04 -9.73
C LEU A 197 20.53 -19.13 -9.54
N LEU A 198 20.95 -18.96 -8.29
CA LEU A 198 22.08 -18.11 -7.96
C LEU A 198 23.38 -18.63 -8.56
N LYS A 199 23.59 -19.95 -8.45
CA LYS A 199 24.78 -20.57 -9.01
C LYS A 199 24.81 -20.33 -10.52
N GLU A 200 23.66 -20.45 -11.18
CA GLU A 200 23.58 -20.19 -12.61
C GLU A 200 23.92 -18.73 -12.90
N ILE A 201 23.40 -17.82 -12.09
CA ILE A 201 23.63 -16.38 -12.26
C ILE A 201 25.10 -15.98 -12.15
N ASP A 202 25.77 -16.36 -11.06
CA ASP A 202 27.16 -15.92 -10.89
C ASP A 202 28.13 -16.74 -11.75
N SER A 203 27.75 -17.96 -12.12
CA SER A 203 28.55 -18.69 -13.11
C SER A 203 28.48 -17.96 -14.44
N LYS A 204 27.27 -17.54 -14.81
CA LYS A 204 27.07 -16.79 -16.05
C LYS A 204 27.75 -15.43 -15.98
N LEU A 205 27.89 -14.88 -14.77
CA LEU A 205 28.55 -13.59 -14.58
C LEU A 205 30.06 -13.71 -14.74
N ALA A 206 30.62 -14.80 -14.21
CA ALA A 206 32.03 -15.08 -14.37
C ALA A 206 32.35 -15.32 -15.84
N ALA A 207 31.56 -16.18 -16.47
CA ALA A 207 31.75 -16.54 -17.87
C ALA A 207 31.52 -15.36 -18.82
N GLU A 208 30.62 -14.46 -18.44
CA GLU A 208 30.28 -13.31 -19.27
C GLU A 208 31.48 -12.41 -19.50
N LYS A 209 32.17 -12.06 -18.41
CA LYS A 209 33.23 -11.08 -18.49
C LYS A 209 34.60 -11.68 -18.23
N ALA A 210 34.70 -13.00 -18.30
CA ALA A 210 36.00 -13.64 -18.47
C ALA A 210 36.39 -13.49 -19.93
N SER A 211 35.38 -13.28 -20.77
CA SER A 211 35.56 -13.13 -22.21
C SER A 211 35.76 -11.67 -22.60
N ARG A 212 35.52 -10.77 -21.66
CA ARG A 212 35.73 -9.35 -21.90
C ARG A 212 37.21 -9.02 -21.81
N ASP A 213 37.91 -9.70 -20.90
CA ASP A 213 39.33 -9.50 -20.70
C ASP A 213 40.14 -10.46 -21.58
N ASN B 23 -2.99 22.21 20.66
CA ASN B 23 -2.87 22.96 19.42
C ASN B 23 -1.43 22.94 18.89
N LEU B 24 -0.48 22.69 19.79
CA LEU B 24 0.93 22.55 19.42
C LEU B 24 1.34 21.08 19.47
N TYR B 25 1.71 20.52 18.32
CA TYR B 25 2.10 19.11 18.26
C TYR B 25 3.49 18.92 17.69
N PHE B 26 4.07 17.76 17.99
CA PHE B 26 5.40 17.39 17.52
C PHE B 26 5.44 17.18 16.01
N GLN B 27 4.30 16.90 15.41
CA GLN B 27 4.24 16.60 13.98
C GLN B 27 3.31 17.54 13.22
N GLY B 28 3.36 18.82 13.54
CA GLY B 28 2.60 19.82 12.81
C GLY B 28 1.18 19.92 13.33
N SER B 29 0.44 20.91 12.85
CA SER B 29 -0.94 21.09 13.26
C SER B 29 -1.76 19.90 12.79
N HIS B 30 -2.53 19.32 13.71
CA HIS B 30 -3.35 18.17 13.40
C HIS B 30 -4.48 18.57 12.45
N LEU B 31 -4.32 18.26 11.17
CA LEU B 31 -5.31 18.64 10.17
C LEU B 31 -6.65 17.95 10.43
N GLN B 32 -6.61 16.63 10.59
CA GLN B 32 -7.80 15.83 10.75
C GLN B 32 -8.58 16.19 12.01
N ARG B 33 -7.85 16.46 13.09
CA ARG B 33 -8.45 16.86 14.36
C ARG B 33 -9.17 18.20 14.19
N ASN B 34 -8.51 19.10 13.47
CA ASN B 34 -9.06 20.43 13.21
C ASN B 34 -10.31 20.36 12.36
N ILE B 35 -10.32 19.44 11.39
CA ILE B 35 -11.48 19.24 10.53
C ILE B 35 -12.64 18.67 11.33
N TYR B 36 -12.33 17.70 12.20
CA TYR B 36 -13.32 17.13 13.11
C TYR B 36 -13.98 18.21 13.97
N LEU B 37 -13.15 18.92 14.74
CA LEU B 37 -13.63 19.93 15.66
C LEU B 37 -14.30 21.11 14.94
N SER B 38 -13.92 21.34 13.69
CA SER B 38 -14.58 22.37 12.88
C SER B 38 -15.93 21.90 12.39
N LEU B 39 -16.06 20.60 12.17
CA LEU B 39 -17.33 20.02 11.80
C LEU B 39 -18.28 20.08 12.99
N LEU B 40 -17.73 19.94 14.19
CA LEU B 40 -18.54 20.04 15.40
C LEU B 40 -19.01 21.47 15.62
N HIS B 41 -18.09 22.42 15.50
CA HIS B 41 -18.43 23.81 15.74
C HIS B 41 -18.62 24.56 14.42
N MET B 42 -19.53 24.04 13.59
CA MET B 42 -19.87 24.66 12.30
C MET B 42 -20.38 26.09 12.53
N GLU B 43 -20.04 26.98 11.62
CA GLU B 43 -20.36 28.41 11.74
C GLU B 43 -21.47 28.77 10.75
N PRO B 44 -22.07 29.97 10.85
CA PRO B 44 -23.05 30.30 9.82
C PRO B 44 -22.53 30.15 8.39
N GLU B 45 -23.21 29.36 7.58
CA GLU B 45 -22.81 29.23 6.18
C GLU B 45 -23.02 30.55 5.42
N GLU B 46 -24.00 31.34 5.88
CA GLU B 46 -24.37 32.61 5.23
C GLU B 46 -24.79 33.58 6.34
N GLY B 47 -25.21 34.80 5.96
CA GLY B 47 -25.91 35.68 6.89
C GLY B 47 -26.89 34.99 7.87
N GLN B 48 -27.54 33.90 7.43
CA GLN B 48 -28.68 33.35 8.19
C GLN B 48 -28.43 33.07 9.69
N GLU B 49 -27.17 32.80 10.05
CA GLU B 49 -26.84 32.34 11.42
C GLU B 49 -27.68 31.11 11.80
N LYS B 50 -27.85 30.19 10.85
CA LYS B 50 -28.36 28.86 11.14
C LYS B 50 -27.22 27.83 11.01
N ALA B 51 -27.01 27.06 12.08
CA ALA B 51 -26.04 25.97 12.08
C ALA B 51 -26.43 24.94 11.05
N PRO B 52 -25.69 24.89 9.92
CA PRO B 52 -26.05 23.92 8.90
C PRO B 52 -25.86 22.52 9.46
N LYS B 53 -26.96 21.88 9.84
CA LYS B 53 -26.93 20.64 10.59
C LYS B 53 -26.08 19.59 9.88
N VAL B 54 -25.02 19.16 10.54
CA VAL B 54 -24.14 18.15 9.99
C VAL B 54 -24.46 16.81 10.66
N PRO B 55 -24.71 15.77 9.85
CA PRO B 55 -25.16 14.46 10.35
C PRO B 55 -24.12 13.79 11.24
N ASP B 56 -24.57 12.84 12.06
CA ASP B 56 -23.67 12.13 12.96
C ASP B 56 -22.75 11.20 12.17
N SER B 57 -23.22 10.77 10.99
CA SER B 57 -22.43 9.88 10.14
C SER B 57 -21.14 10.56 9.68
N VAL B 58 -21.27 11.82 9.30
CA VAL B 58 -20.13 12.64 8.89
C VAL B 58 -19.13 12.82 10.03
N ILE B 59 -19.64 13.15 11.22
CA ILE B 59 -18.81 13.31 12.40
C ILE B 59 -18.04 12.01 12.68
N ARG B 60 -18.74 10.88 12.60
CA ARG B 60 -18.11 9.58 12.81
C ARG B 60 -16.99 9.32 11.80
N ALA B 61 -17.27 9.57 10.53
CA ALA B 61 -16.26 9.43 9.47
C ALA B 61 -15.02 10.29 9.75
N ALA B 62 -15.26 11.56 10.10
CA ALA B 62 -14.19 12.50 10.40
C ALA B 62 -13.34 12.01 11.56
N LEU B 63 -14.00 11.49 12.60
CA LEU B 63 -13.29 10.97 13.75
C LEU B 63 -12.41 9.79 13.33
N LEU B 64 -12.95 8.92 12.47
CA LEU B 64 -12.17 7.77 11.99
C LEU B 64 -10.93 8.25 11.23
N ARG B 65 -11.09 9.29 10.42
CA ARG B 65 -9.96 9.90 9.72
C ARG B 65 -8.90 10.37 10.70
N ARG B 66 -9.35 11.13 11.69
CA ARG B 66 -8.50 11.59 12.79
C ARG B 66 -7.72 10.43 13.40
N ALA B 67 -8.42 9.33 13.64
CA ALA B 67 -7.83 8.13 14.21
C ALA B 67 -6.71 7.58 13.31
N VAL B 68 -6.96 7.53 12.00
CA VAL B 68 -5.95 7.07 11.05
C VAL B 68 -4.68 7.92 11.09
N GLU B 69 -4.87 9.25 11.05
CA GLU B 69 -3.75 10.17 11.18
C GLU B 69 -2.96 9.89 12.46
N ASP B 70 -3.69 9.72 13.55
CA ASP B 70 -3.08 9.40 14.85
C ASP B 70 -2.27 8.11 14.78
N ILE B 71 -2.76 7.11 14.06
CA ILE B 71 -2.02 5.87 13.83
C ILE B 71 -0.67 6.16 13.20
N HIS B 72 -0.70 6.92 12.11
CA HIS B 72 0.53 7.29 11.43
C HIS B 72 1.49 8.00 12.36
N ARG B 73 0.98 8.95 13.14
CA ARG B 73 1.82 9.74 14.03
C ARG B 73 2.46 8.89 15.13
N ILE B 74 1.66 8.09 15.84
CA ILE B 74 2.19 7.29 16.94
C ILE B 74 3.22 6.27 16.42
N ILE B 75 2.92 5.65 15.27
CA ILE B 75 3.86 4.69 14.71
C ILE B 75 5.14 5.40 14.27
N GLN B 76 5.01 6.64 13.80
CA GLN B 76 6.18 7.43 13.45
C GLN B 76 7.07 7.67 14.68
N ILE B 77 6.47 8.14 15.77
CA ILE B 77 7.23 8.40 16.98
C ILE B 77 7.96 7.15 17.47
N ARG B 78 7.23 6.04 17.53
CA ARG B 78 7.82 4.81 18.06
C ARG B 78 8.87 4.25 17.10
N THR B 79 8.72 4.54 15.82
CA THR B 79 9.75 4.20 14.84
C THR B 79 11.03 5.01 15.12
N ALA B 80 10.85 6.29 15.40
CA ALA B 80 11.94 7.15 15.84
C ALA B 80 12.69 6.49 17.00
N LYS B 81 11.96 6.17 18.05
CA LYS B 81 12.60 5.64 19.25
C LYS B 81 13.58 4.49 19.03
N ALA B 82 13.20 3.53 18.19
CA ALA B 82 14.12 2.48 17.80
C ALA B 82 15.23 3.00 16.88
N ALA B 83 14.86 3.77 15.86
CA ALA B 83 15.85 4.36 14.96
C ALA B 83 16.84 5.20 15.75
N CYS B 84 16.37 6.02 16.68
CA CYS B 84 17.21 7.04 17.30
C CYS B 84 17.75 6.66 18.68
N SER B 85 18.00 5.38 18.90
CA SER B 85 18.32 4.91 20.25
C SER B 85 19.68 5.39 20.75
N THR B 86 20.69 5.28 19.89
CA THR B 86 22.05 5.70 20.22
C THR B 86 22.15 7.16 20.67
N LEU B 87 21.06 7.91 20.54
CA LEU B 87 20.97 9.24 21.13
C LEU B 87 21.30 9.22 22.61
N LEU B 88 20.98 8.14 23.30
CA LEU B 88 21.23 8.07 24.74
C LEU B 88 22.72 7.97 25.02
N GLN B 89 23.50 7.67 24.00
CA GLN B 89 24.95 7.54 24.14
C GLN B 89 25.69 8.72 23.51
N ARG B 90 24.97 9.80 23.25
CA ARG B 90 25.54 10.95 22.57
C ARG B 90 25.37 12.21 23.41
N GLY B 91 25.75 12.13 24.68
CA GLY B 91 25.78 13.30 25.54
C GLY B 91 24.43 13.88 25.91
N SER B 92 24.48 15.03 26.59
CA SER B 92 23.31 15.69 27.13
C SER B 92 22.36 16.15 26.04
N VAL B 93 22.89 16.38 24.85
CA VAL B 93 22.10 16.92 23.75
C VAL B 93 21.27 15.79 23.12
N GLY B 94 21.90 14.63 22.93
CA GLY B 94 21.19 13.45 22.47
C GLY B 94 20.17 13.00 23.50
N ASP B 95 20.55 13.09 24.78
CA ASP B 95 19.62 12.77 25.85
C ASP B 95 18.40 13.69 25.78
N ASP B 96 18.63 14.99 25.70
CA ASP B 96 17.54 15.97 25.63
C ASP B 96 16.60 15.67 24.46
N LEU B 97 17.18 15.29 23.33
CA LEU B 97 16.37 14.91 22.18
C LEU B 97 15.51 13.67 22.46
N TRP B 98 16.11 12.67 23.11
CA TRP B 98 15.36 11.48 23.49
C TRP B 98 14.19 11.83 24.41
N GLN B 99 14.44 12.69 25.39
CA GLN B 99 13.38 13.14 26.28
C GLN B 99 12.29 13.83 25.48
N ARG B 100 12.70 14.54 24.44
CA ARG B 100 11.73 15.17 23.55
C ARG B 100 10.82 14.13 22.94
N PHE B 101 11.42 13.03 22.48
CA PHE B 101 10.66 11.94 21.88
C PHE B 101 9.66 11.35 22.85
N LEU B 102 10.12 11.11 24.08
CA LEU B 102 9.26 10.57 25.12
C LEU B 102 8.05 11.47 25.37
N ARG B 103 8.31 12.78 25.49
CA ARG B 103 7.25 13.74 25.72
C ARG B 103 6.23 13.72 24.58
N ALA B 104 6.76 13.65 23.36
CA ALA B 104 5.92 13.58 22.16
C ALA B 104 5.02 12.35 22.20
N GLU B 105 5.60 11.20 22.53
CA GLU B 105 4.84 9.97 22.64
C GLU B 105 3.71 10.11 23.67
N LYS B 106 4.01 10.65 24.84
CA LYS B 106 2.99 10.78 25.87
C LYS B 106 1.85 11.69 25.41
N GLU B 107 2.20 12.82 24.78
CA GLU B 107 1.19 13.74 24.24
C GLU B 107 0.28 13.03 23.25
N GLU B 109 -0.29 9.83 23.01
CA GLU B 109 -1.09 8.86 23.75
C GLU B 109 -2.32 9.53 24.34
N ASP B 110 -2.13 10.72 24.93
CA ASP B 110 -3.27 11.50 25.41
C ASP B 110 -4.27 11.74 24.29
N GLU B 111 -3.76 12.09 23.11
CA GLU B 111 -4.64 12.33 21.96
C GLU B 111 -5.45 11.07 21.62
N LEU B 112 -4.76 9.92 21.59
CA LEU B 112 -5.40 8.63 21.33
C LEU B 112 -6.53 8.36 22.33
N ARG B 113 -6.26 8.62 23.60
CA ARG B 113 -7.28 8.45 24.63
C ARG B 113 -8.50 9.32 24.34
N ASP B 114 -8.25 10.59 24.04
CA ASP B 114 -9.33 11.53 23.72
C ASP B 114 -10.19 11.01 22.57
N VAL B 115 -9.53 10.52 21.52
CA VAL B 115 -10.23 9.95 20.37
C VAL B 115 -11.07 8.74 20.79
N VAL B 116 -10.52 7.90 21.66
CA VAL B 116 -11.25 6.74 22.16
C VAL B 116 -12.54 7.15 22.87
N GLU B 118 -14.13 9.91 22.76
CA GLU B 118 -15.00 10.59 21.79
C GLU B 118 -15.79 9.58 20.97
N ALA B 119 -15.09 8.53 20.55
CA ALA B 119 -15.68 7.41 19.82
C ALA B 119 -16.76 6.72 20.64
N ASN B 120 -16.47 6.48 21.91
CA ASN B 120 -17.46 5.88 22.82
C ASN B 120 -18.67 6.78 22.98
N ALA B 121 -18.43 8.09 23.03
CA ALA B 121 -19.52 9.04 23.18
C ALA B 121 -20.39 9.08 21.93
N LEU B 122 -19.79 8.83 20.77
CA LEU B 122 -20.56 8.77 19.52
C LEU B 122 -21.35 7.48 19.41
N VAL B 123 -20.66 6.36 19.63
CA VAL B 123 -21.29 5.04 19.63
C VAL B 123 -20.67 4.23 20.77
N PRO B 124 -21.47 3.91 21.79
CA PRO B 124 -20.94 3.22 22.98
C PRO B 124 -20.17 1.95 22.64
N GLY B 125 -18.91 1.91 23.05
CA GLY B 125 -18.09 0.72 22.86
C GLY B 125 -17.19 0.79 21.64
N TRP B 126 -17.46 1.77 20.78
CA TRP B 126 -16.72 1.93 19.53
C TRP B 126 -15.25 2.20 19.78
N GLY B 127 -14.96 2.90 20.87
CA GLY B 127 -13.59 3.27 21.20
C GLY B 127 -12.71 2.06 21.51
N GLN B 128 -13.31 0.88 21.55
CA GLN B 128 -12.56 -0.35 21.81
C GLN B 128 -12.05 -0.97 20.52
N ILE B 129 -12.54 -0.51 19.38
CA ILE B 129 -12.15 -1.07 18.09
C ILE B 129 -11.84 -0.04 17.01
N ILE B 130 -12.03 1.24 17.31
CA ILE B 130 -11.86 2.28 16.30
C ILE B 130 -10.43 2.32 15.76
N PHE B 131 -9.46 2.03 16.62
CA PHE B 131 -8.06 2.09 16.22
C PHE B 131 -7.58 0.80 15.58
N GLN B 132 -8.36 -0.28 15.74
CA GLN B 132 -8.09 -1.52 15.04
C GLN B 132 -8.41 -1.32 13.57
N SER B 133 -9.61 -0.78 13.33
CA SER B 133 -10.06 -0.41 12.01
C SER B 133 -9.14 0.64 11.39
N ALA B 134 -8.84 1.68 12.16
CA ALA B 134 -7.94 2.74 11.70
C ALA B 134 -6.58 2.18 11.29
N ASN B 135 -6.02 1.32 12.14
CA ASN B 135 -4.74 0.68 11.85
C ASN B 135 -4.77 -0.09 10.54
N GLU B 136 -5.83 -0.88 10.36
CA GLU B 136 -5.97 -1.64 9.12
C GLU B 136 -6.06 -0.71 7.91
N ILE B 137 -6.78 0.40 8.06
CA ILE B 137 -6.92 1.38 6.98
C ILE B 137 -5.56 1.96 6.57
N ALA B 138 -4.78 2.37 7.56
CA ALA B 138 -3.43 2.87 7.34
C ALA B 138 -2.55 1.84 6.61
N ALA B 139 -2.51 0.62 7.15
CA ALA B 139 -1.74 -0.46 6.56
C ALA B 139 -2.09 -0.68 5.09
N ASN B 140 -3.39 -0.76 4.81
CA ASN B 140 -3.87 -0.92 3.45
C ASN B 140 -3.39 0.22 2.54
N LYS B 141 -3.56 1.46 2.99
CA LYS B 141 -3.06 2.62 2.23
C LYS B 141 -1.59 2.47 1.84
N VAL B 142 -0.74 2.23 2.84
CA VAL B 142 0.69 2.07 2.61
C VAL B 142 1.00 0.97 1.58
N LEU B 143 0.37 -0.19 1.76
CA LEU B 143 0.50 -1.30 0.82
C LEU B 143 0.17 -0.84 -0.60
N ARG B 144 -0.98 -0.19 -0.76
CA ARG B 144 -1.41 0.31 -2.06
C ARG B 144 -0.34 1.20 -2.69
N ASP B 145 0.23 2.11 -1.89
CA ASP B 145 1.25 3.01 -2.41
C ASP B 145 2.49 2.27 -2.93
N ARG B 146 3.06 1.40 -2.11
CA ARG B 146 4.24 0.63 -2.54
C ARG B 146 3.96 -0.16 -3.81
N LEU B 147 2.85 -0.90 -3.78
CA LEU B 147 2.38 -1.60 -4.96
C LEU B 147 2.32 -0.68 -6.18
N GLU B 148 1.85 0.54 -5.98
CA GLU B 148 1.68 1.45 -7.11
C GLU B 148 3.02 1.91 -7.68
N GLU B 149 4.04 2.17 -6.87
CA GLU B 149 5.30 2.50 -7.52
C GLU B 149 5.84 1.28 -8.27
N ILE B 150 5.71 0.09 -7.69
CA ILE B 150 6.16 -1.10 -8.43
C ILE B 150 5.45 -1.18 -9.80
N GLU B 151 4.12 -1.06 -9.81
CA GLU B 151 3.35 -1.14 -11.05
C GLU B 151 3.68 -0.02 -12.03
N ALA B 152 4.10 1.12 -11.49
CA ALA B 152 4.45 2.28 -12.32
C ALA B 152 5.75 2.07 -13.06
N GLN B 153 6.71 1.40 -12.43
CA GLN B 153 7.99 1.11 -13.07
C GLN B 153 7.89 0.25 -14.37
N THR B 154 6.83 -0.55 -14.45
CA THR B 154 6.69 -1.60 -15.47
C THR B 154 6.77 -1.11 -16.92
N ALA B 155 6.15 0.03 -17.21
CA ALA B 155 6.14 0.59 -18.56
C ALA B 155 7.54 0.89 -19.09
N ARG B 156 8.30 1.66 -18.33
CA ARG B 156 9.64 2.04 -18.75
C ARG B 156 10.57 0.83 -18.69
N ASP B 157 10.27 -0.12 -17.81
CA ASP B 157 11.01 -1.37 -17.84
C ASP B 157 10.80 -2.09 -19.18
N LYS B 158 9.55 -2.05 -19.66
CA LYS B 158 9.22 -2.59 -20.97
C LYS B 158 9.98 -1.88 -22.08
N GLU B 159 10.00 -0.54 -22.07
CA GLU B 159 10.67 0.18 -23.15
C GLU B 159 12.18 -0.11 -23.14
N TRP B 160 12.76 -0.17 -21.94
CA TRP B 160 14.18 -0.48 -21.82
C TRP B 160 14.46 -1.88 -22.34
N TRP B 161 13.59 -2.83 -22.01
CA TRP B 161 13.75 -4.21 -22.47
C TRP B 161 13.65 -4.28 -23.99
N GLU B 162 12.72 -3.53 -24.57
CA GLU B 162 12.55 -3.54 -26.02
C GLU B 162 13.77 -2.97 -26.71
N LYS B 163 14.33 -1.91 -26.17
CA LYS B 163 15.55 -1.34 -26.75
C LYS B 163 16.76 -2.27 -26.56
N ARG B 164 16.78 -3.02 -25.47
CA ARG B 164 17.91 -3.92 -25.18
C ARG B 164 17.88 -5.19 -26.02
N ARG B 165 16.69 -5.74 -26.22
CA ARG B 165 16.54 -7.04 -26.86
C ARG B 165 16.76 -7.01 -28.37
N ALA B 166 17.06 -5.83 -28.89
CA ALA B 166 17.24 -5.64 -30.32
C ALA B 166 18.48 -6.36 -30.83
N THR B 167 19.43 -6.60 -29.93
CA THR B 167 20.71 -7.21 -30.27
C THR B 167 20.73 -8.72 -30.05
N ILE B 168 19.70 -9.24 -29.42
CA ILE B 168 19.64 -10.65 -29.08
C ILE B 168 19.14 -11.48 -30.26
N LYS B 169 19.88 -12.55 -30.57
CA LYS B 169 19.56 -13.39 -31.72
C LYS B 169 18.21 -14.11 -31.57
N SER B 170 17.46 -14.16 -32.65
CA SER B 170 16.13 -14.77 -32.66
C SER B 170 16.23 -16.28 -32.50
N GLU B 171 15.40 -16.85 -31.64
CA GLU B 171 15.49 -18.26 -31.28
C GLU B 171 14.69 -19.19 -32.18
N PHE B 172 13.69 -18.66 -32.89
CA PHE B 172 12.90 -19.50 -33.80
C PHE B 172 13.80 -20.03 -34.92
N MET B 173 14.02 -21.34 -34.91
CA MET B 173 14.91 -22.02 -35.86
C MET B 173 16.26 -21.33 -35.91
N LYS B 174 16.84 -21.13 -34.73
CA LYS B 174 18.16 -20.51 -34.57
C LYS B 174 19.24 -21.34 -35.23
N GLU B 175 18.92 -22.62 -35.48
CA GLU B 175 19.81 -23.59 -36.09
C GLU B 175 20.58 -23.00 -37.26
N LEU B 176 19.83 -22.46 -38.21
CA LEU B 176 20.43 -21.83 -39.37
C LEU B 176 21.06 -20.50 -38.95
N ASP B 177 22.31 -20.30 -39.32
CA ASP B 177 23.05 -19.14 -38.84
C ASP B 177 23.43 -18.20 -39.98
N ALA B 178 23.82 -16.99 -39.62
CA ALA B 178 24.32 -16.02 -40.57
C ALA B 178 25.60 -16.52 -41.24
N GLU B 179 25.72 -16.28 -42.54
CA GLU B 179 26.94 -16.63 -43.28
C GLU B 179 28.13 -15.88 -42.70
N GLU B 180 29.08 -16.63 -42.14
CA GLU B 180 30.23 -16.03 -41.49
C GLU B 180 31.12 -15.31 -42.49
N ALA B 181 31.83 -14.29 -42.01
CA ALA B 181 32.66 -13.48 -42.88
C ALA B 181 34.01 -14.13 -43.11
N VAL B 182 34.31 -14.46 -44.36
CA VAL B 182 35.61 -15.01 -44.70
C VAL B 182 36.36 -14.02 -45.59
N GLU B 183 37.42 -13.43 -45.05
CA GLU B 183 38.18 -12.42 -45.77
C GLU B 183 38.91 -13.04 -46.95
N LYS B 184 38.64 -12.53 -48.15
CA LYS B 184 39.27 -13.01 -49.37
C LYS B 184 39.55 -11.86 -50.33
#